data_4F64
#
_entry.id   4F64
#
_cell.length_a   208.810
_cell.length_b   57.277
_cell.length_c   65.433
_cell.angle_alpha   90.00
_cell.angle_beta   107.55
_cell.angle_gamma   90.00
#
_symmetry.space_group_name_H-M   'C 1 2 1'
#
loop_
_entity.id
_entity.type
_entity.pdbx_description
1 polymer 'Fibroblast growth factor receptor 1'
2 non-polymer 5-bromo-N~4~-[3-(3-methoxypropyl)-1H-pyrazol-5-yl]-N~2~-[(3-methyl-1,2-oxazol-5-yl)methyl]pyrimidine-2,4-diamine
3 non-polymer 1,2-ETHANEDIOL
4 non-polymer 'SULFATE ION'
5 water water
#
_entity_poly.entity_id   1
_entity_poly.type   'polypeptide(L)'
_entity_poly.pdbx_seq_one_letter_code
;GAGVSEYELPEDPRWELPRDRLVLGKPLGEGAFGQVVLAEAIGLDKDKPNRVTKVAVKMLKSDATEKDLSDLISEMEMMK
MIGKHKNIINLLGACTQDGPLYVIVEYASKGNLREYLQARRPPGLEYSYNPSHNPEEQLSSKDLVSCAYQVARGMEYLAS
KKCIHRDLAARNVLVTEDNVMKIADFGLARDIHHIDYYKKTTNGRLPVKWMAPEALFDRIYTHQSDVWSFGVLLWEIFTL
GGSPYPGVPVEELFKLLKEGHRMDKPSNCTNELYMMMRDCWHAVPSQRPTFKQLVEDLDRIVALTSNQE
;
_entity_poly.pdbx_strand_id   A,B
#
# COMPACT_ATOMS: atom_id res chain seq x y z
CA GLU A 8 3.33 9.14 -50.44
C GLU A 8 3.69 7.80 -49.78
N LEU A 9 2.67 7.00 -49.43
CA LEU A 9 2.91 5.71 -48.81
C LEU A 9 3.07 4.63 -49.86
N PRO A 10 4.01 3.72 -49.65
CA PRO A 10 4.20 2.61 -50.59
C PRO A 10 3.07 1.62 -50.49
N GLU A 11 2.64 1.10 -51.63
CA GLU A 11 1.61 0.09 -51.67
C GLU A 11 2.13 -1.25 -51.11
N ASP A 12 1.30 -1.90 -50.30
CA ASP A 12 1.55 -3.24 -49.81
C ASP A 12 0.30 -4.09 -49.98
N PRO A 13 0.22 -4.80 -51.10
CA PRO A 13 -0.89 -5.71 -51.39
C PRO A 13 -1.20 -6.76 -50.35
N ARG A 14 -0.26 -7.06 -49.45
CA ARG A 14 -0.51 -8.12 -48.44
C ARG A 14 -1.57 -7.69 -47.40
N TRP A 15 -1.71 -6.39 -47.24
CA TRP A 15 -2.48 -5.75 -46.17
C TRP A 15 -3.53 -4.74 -46.61
N GLU A 16 -3.48 -4.23 -47.84
CA GLU A 16 -4.35 -3.12 -48.27
C GLU A 16 -5.80 -3.56 -48.37
N LEU A 17 -6.69 -2.84 -47.68
CA LEU A 17 -8.13 -2.99 -47.85
C LEU A 17 -8.66 -1.75 -48.58
N PRO A 18 -9.53 -1.90 -49.60
CA PRO A 18 -10.11 -0.69 -50.20
C PRO A 18 -10.90 0.16 -49.21
N ARG A 19 -10.78 1.47 -49.35
CA ARG A 19 -11.43 2.40 -48.42
C ARG A 19 -12.92 2.19 -48.34
N ASP A 20 -13.54 1.81 -49.45
CA ASP A 20 -14.98 1.65 -49.47
C ASP A 20 -15.47 0.43 -48.72
N ARG A 21 -14.54 -0.43 -48.29
CA ARG A 21 -14.83 -1.64 -47.51
C ARG A 21 -14.79 -1.44 -46.01
N LEU A 22 -14.52 -0.21 -45.58
CA LEU A 22 -14.38 0.06 -44.17
C LEU A 22 -15.39 1.12 -43.76
N VAL A 23 -16.34 0.78 -42.88
CA VAL A 23 -17.41 1.68 -42.43
C VAL A 23 -17.10 2.23 -41.05
N LEU A 24 -16.72 3.49 -40.97
CA LEU A 24 -16.19 4.05 -39.74
C LEU A 24 -17.31 4.37 -38.77
N GLY A 25 -17.12 4.03 -37.49
CA GLY A 25 -18.15 4.23 -36.46
C GLY A 25 -17.70 5.12 -35.31
N LYS A 26 -18.09 4.76 -34.09
CA LYS A 26 -17.82 5.60 -32.90
C LYS A 26 -16.37 5.60 -32.44
N PRO A 27 -15.91 6.77 -31.96
CA PRO A 27 -14.62 6.87 -31.31
C PRO A 27 -14.51 5.89 -30.13
N LEU A 28 -13.35 5.24 -29.99
CA LEU A 28 -13.13 4.34 -28.84
C LEU A 28 -12.30 5.03 -27.77
N GLY A 29 -11.46 5.98 -28.17
CA GLY A 29 -10.64 6.77 -27.24
C GLY A 29 -9.25 7.11 -27.74
N GLN A 35 -5.73 8.73 -32.76
CA GLN A 35 -7.02 8.24 -32.24
C GLN A 35 -7.45 6.87 -32.78
N VAL A 36 -8.30 6.20 -32.01
CA VAL A 36 -8.82 4.87 -32.33
C VAL A 36 -10.37 4.89 -32.42
N VAL A 37 -10.89 4.38 -33.53
CA VAL A 37 -12.34 4.38 -33.74
C VAL A 37 -12.83 2.96 -33.96
N LEU A 38 -14.10 2.72 -33.60
CA LEU A 38 -14.75 1.46 -33.93
C LEU A 38 -15.15 1.51 -35.40
N ALA A 39 -15.01 0.39 -36.10
CA ALA A 39 -15.44 0.30 -37.51
C ALA A 39 -15.98 -1.06 -37.87
N GLU A 40 -16.56 -1.15 -39.05
CA GLU A 40 -16.96 -2.42 -39.68
C GLU A 40 -16.23 -2.55 -40.99
N ALA A 41 -15.58 -3.70 -41.20
CA ALA A 41 -14.89 -4.02 -42.45
C ALA A 41 -15.75 -4.98 -43.21
N ILE A 42 -16.07 -4.67 -44.45
CA ILE A 42 -16.81 -5.58 -45.32
C ILE A 42 -15.83 -6.42 -46.08
N GLY A 43 -15.89 -7.72 -45.90
CA GLY A 43 -14.92 -8.62 -46.53
C GLY A 43 -13.83 -9.04 -45.55
N LEU A 44 -12.74 -8.27 -45.54
CA LEU A 44 -11.42 -8.67 -44.96
C LEU A 44 -10.87 -10.01 -45.53
N PRO A 49 -16.23 -11.84 -47.49
CA PRO A 49 -16.80 -11.33 -48.77
C PRO A 49 -18.05 -10.46 -48.53
N ASN A 50 -19.14 -11.09 -48.08
CA ASN A 50 -20.39 -10.42 -47.74
C ASN A 50 -20.65 -10.42 -46.23
N ARG A 51 -19.57 -10.53 -45.48
CA ARG A 51 -19.58 -10.56 -44.02
C ARG A 51 -18.94 -9.26 -43.54
N VAL A 52 -19.49 -8.66 -42.50
CA VAL A 52 -18.82 -7.57 -41.81
C VAL A 52 -18.21 -8.06 -40.51
N THR A 53 -16.99 -7.61 -40.28
CA THR A 53 -16.26 -7.84 -39.05
C THR A 53 -16.06 -6.50 -38.33
N LYS A 54 -16.37 -6.45 -37.04
CA LYS A 54 -16.02 -5.28 -36.21
C LYS A 54 -14.52 -5.25 -35.99
N VAL A 55 -13.95 -4.06 -36.17
CA VAL A 55 -12.52 -3.85 -36.09
C VAL A 55 -12.25 -2.52 -35.42
N ALA A 56 -11.05 -2.35 -34.88
CA ALA A 56 -10.62 -1.06 -34.37
C ALA A 56 -9.75 -0.46 -35.44
N VAL A 57 -9.80 0.86 -35.61
CA VAL A 57 -8.99 1.57 -36.61
C VAL A 57 -8.20 2.73 -35.95
N LYS A 58 -6.88 2.68 -36.06
CA LYS A 58 -6.01 3.76 -35.57
C LYS A 58 -5.67 4.73 -36.70
N MET A 59 -5.78 6.02 -36.41
CA MET A 59 -5.55 7.04 -37.41
C MET A 59 -5.03 8.31 -36.75
N LEU A 60 -4.55 9.24 -37.57
CA LEU A 60 -4.05 10.52 -37.06
C LEU A 60 -5.18 11.47 -36.74
N LYS A 61 -4.92 12.28 -35.72
CA LYS A 61 -5.74 13.46 -35.41
C LYS A 61 -5.42 14.60 -36.39
N SER A 62 -6.23 15.66 -36.32
CA SER A 62 -6.10 16.82 -37.20
C SER A 62 -4.79 17.60 -37.01
N ASP A 63 -4.38 17.79 -35.76
CA ASP A 63 -3.17 18.58 -35.45
C ASP A 63 -1.87 17.74 -35.48
N ALA A 64 -1.89 16.63 -36.21
CA ALA A 64 -0.74 15.71 -36.27
C ALA A 64 0.39 16.23 -37.17
N THR A 65 1.62 15.89 -36.77
CA THR A 65 2.84 16.26 -37.52
C THR A 65 3.27 15.11 -38.40
N GLU A 66 4.28 15.37 -39.24
CA GLU A 66 4.86 14.29 -40.06
C GLU A 66 5.56 13.24 -39.20
N LYS A 67 6.04 13.64 -38.02
CA LYS A 67 6.66 12.73 -37.06
C LYS A 67 5.65 11.73 -36.51
N ASP A 68 4.42 12.21 -36.32
CA ASP A 68 3.34 11.36 -35.88
C ASP A 68 2.94 10.35 -36.95
N LEU A 69 2.92 10.76 -38.21
CA LEU A 69 2.69 9.83 -39.32
C LEU A 69 3.79 8.75 -39.35
N SER A 70 5.02 9.21 -39.25
CA SER A 70 6.18 8.35 -39.25
C SER A 70 6.12 7.26 -38.20
N ASP A 71 5.79 7.66 -36.98
CA ASP A 71 5.54 6.77 -35.84
C ASP A 71 4.35 5.79 -36.03
N LEU A 72 3.23 6.26 -36.56
CA LEU A 72 2.13 5.35 -36.93
C LEU A 72 2.56 4.32 -38.00
N ILE A 73 3.33 4.75 -38.99
CA ILE A 73 3.80 3.81 -40.03
C ILE A 73 4.73 2.74 -39.45
N SER A 74 5.67 3.19 -38.62
CA SER A 74 6.59 2.30 -37.90
C SER A 74 5.83 1.27 -37.07
N GLU A 75 4.79 1.72 -36.35
CA GLU A 75 4.00 0.78 -35.53
C GLU A 75 3.39 -0.28 -36.43
N MET A 76 2.80 0.15 -37.53
CA MET A 76 2.19 -0.78 -38.48
C MET A 76 3.20 -1.76 -39.08
N GLU A 77 4.36 -1.26 -39.49
CA GLU A 77 5.40 -2.12 -40.08
C GLU A 77 5.94 -3.15 -39.08
N MET A 78 6.01 -2.74 -37.84
CA MET A 78 6.45 -3.61 -36.78
C MET A 78 5.43 -4.76 -36.59
N MET A 79 4.16 -4.42 -36.58
CA MET A 79 3.10 -5.46 -36.49
C MET A 79 3.21 -6.50 -37.63
N LYS A 80 3.51 -6.03 -38.84
CA LYS A 80 3.69 -6.91 -40.00
C LYS A 80 4.78 -7.94 -39.74
N MET A 81 5.94 -7.48 -39.29
CA MET A 81 7.06 -8.39 -39.02
C MET A 81 6.79 -9.37 -37.89
N ILE A 82 6.15 -8.92 -36.81
CA ILE A 82 5.93 -9.76 -35.60
C ILE A 82 5.00 -10.95 -35.82
N GLY A 83 4.02 -10.79 -36.71
CA GLY A 83 3.07 -11.86 -37.01
C GLY A 83 1.99 -12.06 -35.95
N LYS A 84 1.19 -13.11 -36.12
CA LYS A 84 -0.02 -13.27 -35.36
C LYS A 84 0.09 -14.17 -34.16
N HIS A 85 -0.56 -13.76 -33.07
CA HIS A 85 -0.74 -14.63 -31.90
C HIS A 85 -2.09 -14.30 -31.25
N LYS A 86 -2.72 -15.32 -30.69
CA LYS A 86 -4.01 -15.13 -30.01
C LYS A 86 -4.04 -14.02 -28.95
N ASN A 87 -2.90 -13.77 -28.31
CA ASN A 87 -2.86 -12.90 -27.13
C ASN A 87 -2.13 -11.59 -27.34
N ILE A 88 -2.14 -11.13 -28.57
CA ILE A 88 -1.75 -9.77 -28.91
C ILE A 88 -2.84 -9.14 -29.79
N ILE A 89 -2.89 -7.83 -29.86
CA ILE A 89 -3.77 -7.14 -30.79
C ILE A 89 -3.16 -7.29 -32.19
N ASN A 90 -3.85 -8.06 -33.03
CA ASN A 90 -3.31 -8.41 -34.35
C ASN A 90 -3.71 -7.41 -35.43
N LEU A 91 -2.76 -7.10 -36.31
CA LEU A 91 -3.01 -6.26 -37.46
C LEU A 91 -3.95 -7.00 -38.42
N LEU A 92 -4.98 -6.33 -38.93
CA LEU A 92 -5.88 -6.93 -39.91
C LEU A 92 -5.78 -6.35 -41.28
N GLY A 93 -5.32 -5.11 -41.42
CA GLY A 93 -5.32 -4.48 -42.72
C GLY A 93 -4.87 -3.04 -42.62
N ALA A 94 -4.89 -2.37 -43.76
CA ALA A 94 -4.58 -0.95 -43.81
C ALA A 94 -5.21 -0.32 -45.04
N CYS A 95 -5.57 0.95 -44.90
CA CYS A 95 -5.89 1.85 -46.01
C CYS A 95 -4.78 2.89 -46.05
N THR A 96 -4.00 2.87 -47.13
CA THR A 96 -2.76 3.66 -47.23
C THR A 96 -2.76 4.58 -48.46
N GLN A 97 -3.68 4.31 -49.37
CA GLN A 97 -3.72 4.97 -50.66
C GLN A 97 -4.86 5.97 -50.74
N ASP A 98 -4.56 7.18 -51.21
CA ASP A 98 -5.59 8.12 -51.62
C ASP A 98 -6.49 8.51 -50.45
N GLY A 99 -5.84 9.01 -49.41
CA GLY A 99 -6.50 9.42 -48.18
C GLY A 99 -5.72 9.07 -46.92
N PRO A 100 -6.28 9.40 -45.76
CA PRO A 100 -5.71 9.26 -44.43
C PRO A 100 -5.25 7.84 -44.17
N LEU A 101 -4.13 7.68 -43.49
CA LEU A 101 -3.64 6.34 -43.17
C LEU A 101 -4.55 5.72 -42.11
N TYR A 102 -5.15 4.57 -42.41
CA TYR A 102 -5.91 3.83 -41.42
C TYR A 102 -5.23 2.50 -41.17
N VAL A 103 -4.84 2.23 -39.93
CA VAL A 103 -4.32 0.93 -39.54
C VAL A 103 -5.42 0.18 -38.85
N ILE A 104 -5.81 -0.94 -39.47
CA ILE A 104 -6.93 -1.73 -39.00
C ILE A 104 -6.49 -2.94 -38.17
N VAL A 105 -7.03 -3.04 -36.96
CA VAL A 105 -6.57 -3.99 -35.97
C VAL A 105 -7.74 -4.63 -35.25
N GLU A 106 -7.44 -5.71 -34.53
CA GLU A 106 -8.49 -6.43 -33.81
C GLU A 106 -9.21 -5.56 -32.80
N TYR A 107 -10.53 -5.79 -32.69
CA TYR A 107 -11.39 -5.13 -31.72
C TYR A 107 -11.58 -5.96 -30.43
N ALA A 108 -11.28 -5.30 -29.32
CA ALA A 108 -11.47 -5.79 -27.96
C ALA A 108 -12.60 -5.02 -27.36
N SER A 109 -13.77 -5.67 -27.26
CA SER A 109 -15.00 -4.98 -26.82
C SER A 109 -15.05 -4.62 -25.34
N LYS A 110 -14.39 -5.40 -24.49
CA LYS A 110 -14.50 -5.17 -23.05
C LYS A 110 -13.45 -4.24 -22.50
N GLY A 111 -12.66 -3.63 -23.37
CA GLY A 111 -11.74 -2.56 -22.93
C GLY A 111 -10.45 -3.03 -22.27
N ASN A 112 -9.77 -2.14 -21.56
CA ASN A 112 -8.50 -2.51 -20.93
C ASN A 112 -8.69 -3.33 -19.64
N LEU A 113 -7.67 -4.11 -19.28
CA LEU A 113 -7.78 -5.07 -18.20
C LEU A 113 -7.96 -4.42 -16.82
N ARG A 114 -7.40 -3.22 -16.64
CA ARG A 114 -7.51 -2.50 -15.38
C ARG A 114 -8.98 -2.24 -15.08
N GLU A 115 -9.67 -1.61 -16.02
CA GLU A 115 -11.09 -1.36 -15.91
C GLU A 115 -11.94 -2.68 -15.82
N TYR A 116 -11.63 -3.64 -16.69
CA TYR A 116 -12.27 -4.95 -16.68
C TYR A 116 -12.29 -5.59 -15.29
N LEU A 117 -11.17 -5.48 -14.58
CA LEU A 117 -11.06 -6.06 -13.24
C LEU A 117 -11.79 -5.23 -12.18
N GLN A 118 -11.69 -3.90 -12.29
CA GLN A 118 -12.36 -3.02 -11.32
C GLN A 118 -13.85 -3.10 -11.38
N ALA A 119 -14.41 -3.19 -12.60
CA ALA A 119 -15.87 -3.39 -12.79
C ALA A 119 -16.36 -4.71 -12.22
N ARG A 120 -15.45 -5.67 -12.06
CA ARG A 120 -15.81 -7.01 -11.56
C ARG A 120 -15.50 -7.20 -10.07
N ARG A 121 -15.12 -6.11 -9.41
CA ARG A 121 -14.96 -6.07 -7.96
C ARG A 121 -16.31 -6.29 -7.28
N PRO A 122 -16.32 -6.97 -6.12
CA PRO A 122 -17.59 -7.14 -5.43
C PRO A 122 -18.10 -5.80 -4.89
N PRO A 123 -19.45 -5.65 -4.76
CA PRO A 123 -20.12 -4.39 -4.40
C PRO A 123 -19.92 -3.91 -2.95
N GLU A 136 -19.88 -7.11 -14.72
CA GLU A 136 -19.79 -6.94 -13.26
C GLU A 136 -19.62 -8.24 -12.47
N GLU A 137 -20.30 -9.31 -12.88
CA GLU A 137 -20.18 -10.62 -12.21
C GLU A 137 -18.72 -10.96 -11.80
N GLN A 138 -18.55 -11.42 -10.57
CA GLN A 138 -17.20 -11.69 -10.03
C GLN A 138 -16.38 -12.76 -10.80
N LEU A 139 -15.05 -12.60 -10.71
CA LEU A 139 -14.09 -13.49 -11.34
C LEU A 139 -13.68 -14.53 -10.35
N SER A 140 -13.57 -15.78 -10.76
CA SER A 140 -13.04 -16.80 -9.84
C SER A 140 -11.51 -16.66 -9.73
N SER A 141 -10.93 -17.32 -8.73
CA SER A 141 -9.47 -17.43 -8.62
C SER A 141 -8.85 -17.98 -9.90
N LYS A 142 -9.49 -18.99 -10.49
CA LYS A 142 -9.04 -19.56 -11.73
C LYS A 142 -9.12 -18.54 -12.86
N ASP A 143 -10.17 -17.71 -12.90
CA ASP A 143 -10.31 -16.72 -13.96
C ASP A 143 -9.16 -15.76 -13.91
N LEU A 144 -8.78 -15.35 -12.70
CA LEU A 144 -7.68 -14.38 -12.54
C LEU A 144 -6.32 -15.01 -12.96
N VAL A 145 -6.10 -16.24 -12.57
CA VAL A 145 -4.87 -16.91 -12.91
C VAL A 145 -4.82 -17.13 -14.43
N SER A 146 -5.97 -17.32 -15.04
CA SER A 146 -6.06 -17.45 -16.49
C SER A 146 -5.77 -16.18 -17.25
N CYS A 147 -6.18 -15.01 -16.73
N CYS A 147 -6.18 -15.01 -16.74
CA CYS A 147 -5.76 -13.72 -17.26
CA CYS A 147 -5.74 -13.74 -17.28
C CYS A 147 -4.24 -13.61 -17.26
C CYS A 147 -4.22 -13.70 -17.29
N ALA A 148 -3.63 -13.95 -16.13
CA ALA A 148 -2.15 -13.95 -16.00
C ALA A 148 -1.50 -14.88 -17.04
N TYR A 149 -2.04 -16.08 -17.19
CA TYR A 149 -1.47 -17.06 -18.15
C TYR A 149 -1.47 -16.53 -19.59
N GLN A 150 -2.57 -15.89 -19.98
CA GLN A 150 -2.75 -15.44 -21.33
C GLN A 150 -1.83 -14.27 -21.62
N VAL A 151 -1.75 -13.29 -20.71
CA VAL A 151 -0.80 -12.20 -20.87
C VAL A 151 0.65 -12.72 -21.02
N ALA A 152 1.05 -13.65 -20.13
CA ALA A 152 2.40 -14.28 -20.20
C ALA A 152 2.65 -15.02 -21.52
N ARG A 153 1.62 -15.66 -22.06
CA ARG A 153 1.68 -16.30 -23.36
C ARG A 153 1.93 -15.28 -24.44
N GLY A 154 1.18 -14.19 -24.43
CA GLY A 154 1.38 -13.14 -25.39
C GLY A 154 2.79 -12.58 -25.35
N MET A 155 3.28 -12.36 -24.12
CA MET A 155 4.63 -11.83 -23.91
C MET A 155 5.69 -12.84 -24.41
N GLU A 156 5.45 -14.14 -24.19
CA GLU A 156 6.38 -15.17 -24.59
C GLU A 156 6.52 -15.18 -26.13
N TYR A 157 5.40 -14.87 -26.78
CA TYR A 157 5.35 -14.81 -28.23
C TYR A 157 6.12 -13.63 -28.72
N LEU A 158 5.80 -12.46 -28.16
CA LEU A 158 6.55 -11.23 -28.46
C LEU A 158 8.06 -11.35 -28.23
N ALA A 159 8.47 -11.87 -27.08
CA ALA A 159 9.87 -12.22 -26.79
C ALA A 159 10.51 -13.10 -27.88
N SER A 160 9.75 -14.10 -28.34
CA SER A 160 10.21 -15.03 -29.39
C SER A 160 10.52 -14.27 -30.72
N LYS A 161 9.78 -13.20 -30.99
CA LYS A 161 9.94 -12.34 -32.17
C LYS A 161 10.80 -11.14 -31.93
N LYS A 162 11.54 -11.19 -30.82
CA LYS A 162 12.61 -10.25 -30.54
C LYS A 162 12.09 -8.88 -30.10
N CYS A 163 10.85 -8.83 -29.63
CA CYS A 163 10.16 -7.58 -29.33
C CYS A 163 10.17 -7.37 -27.83
N ILE A 164 10.57 -6.16 -27.43
CA ILE A 164 10.56 -5.70 -26.07
C ILE A 164 9.47 -4.65 -25.93
N HIS A 165 8.56 -4.83 -24.95
CA HIS A 165 7.37 -4.01 -24.89
C HIS A 165 7.68 -2.62 -24.39
N ARG A 166 8.34 -2.56 -23.24
CA ARG A 166 8.74 -1.28 -22.57
C ARG A 166 7.65 -0.54 -21.75
N ASP A 167 6.37 -0.90 -21.91
CA ASP A 167 5.32 -0.39 -21.02
C ASP A 167 4.21 -1.43 -20.77
N LEU A 168 4.62 -2.59 -20.32
CA LEU A 168 3.66 -3.63 -20.06
C LEU A 168 2.97 -3.26 -18.75
N ALA A 169 1.66 -3.10 -18.84
CA ALA A 169 0.78 -2.84 -17.73
C ALA A 169 -0.62 -3.33 -18.13
N ALA A 170 -1.52 -3.47 -17.14
CA ALA A 170 -2.91 -3.87 -17.39
C ALA A 170 -3.66 -2.90 -18.27
N ARG A 171 -3.25 -1.64 -18.27
CA ARG A 171 -3.86 -0.65 -19.14
C ARG A 171 -3.55 -0.88 -20.61
N ASN A 172 -2.44 -1.56 -20.88
CA ASN A 172 -2.03 -1.90 -22.24
C ASN A 172 -2.34 -3.35 -22.61
N VAL A 173 -3.22 -3.95 -21.83
CA VAL A 173 -3.83 -5.21 -22.16
C VAL A 173 -5.33 -4.94 -22.40
N LEU A 174 -5.83 -5.41 -23.52
CA LEU A 174 -7.21 -5.23 -23.89
C LEU A 174 -7.91 -6.60 -23.81
N VAL A 175 -9.22 -6.56 -23.54
CA VAL A 175 -10.06 -7.75 -23.35
C VAL A 175 -11.17 -7.81 -24.40
N THR A 176 -11.26 -8.95 -25.09
CA THR A 176 -12.27 -9.18 -26.12
C THR A 176 -13.57 -9.63 -25.51
N GLU A 177 -14.57 -9.80 -26.37
CA GLU A 177 -15.91 -10.17 -25.97
C GLU A 177 -15.97 -11.56 -25.39
N ASP A 178 -15.09 -12.44 -25.84
CA ASP A 178 -15.02 -13.78 -25.30
C ASP A 178 -13.93 -13.93 -24.23
N ASN A 179 -13.60 -12.81 -23.59
CA ASN A 179 -12.68 -12.72 -22.44
C ASN A 179 -11.24 -13.19 -22.74
N VAL A 180 -10.80 -12.94 -23.97
CA VAL A 180 -9.44 -13.22 -24.39
C VAL A 180 -8.57 -11.98 -24.18
N MET A 181 -7.43 -12.18 -23.51
CA MET A 181 -6.49 -11.13 -23.20
C MET A 181 -5.58 -10.92 -24.41
N LYS A 182 -5.49 -9.68 -24.87
CA LYS A 182 -4.64 -9.30 -25.99
C LYS A 182 -3.77 -8.10 -25.60
N ILE A 183 -2.46 -8.29 -25.66
CA ILE A 183 -1.50 -7.23 -25.41
C ILE A 183 -1.52 -6.20 -26.54
N ALA A 184 -1.41 -4.92 -26.16
CA ALA A 184 -1.48 -3.79 -27.06
C ALA A 184 -0.26 -2.90 -26.88
N ASP A 185 0.00 -2.09 -27.89
CA ASP A 185 1.09 -1.07 -27.85
C ASP A 185 2.50 -1.65 -27.81
N PHE A 186 2.60 -2.92 -28.21
CA PHE A 186 3.88 -3.64 -28.31
C PHE A 186 4.79 -3.22 -29.46
N GLY A 187 4.27 -2.51 -30.44
CA GLY A 187 5.04 -2.13 -31.63
C GLY A 187 5.33 -0.65 -31.73
N LEU A 188 5.10 0.05 -30.61
CA LEU A 188 5.08 1.50 -30.57
C LEU A 188 6.47 2.08 -30.61
N ALA A 189 6.58 3.19 -31.33
CA ALA A 189 7.80 3.98 -31.37
C ALA A 189 7.87 4.82 -30.09
N ARG A 190 8.99 4.74 -29.38
CA ARG A 190 9.24 5.60 -28.21
C ARG A 190 10.71 6.03 -28.15
N ASP A 191 10.97 7.32 -28.01
CA ASP A 191 12.32 7.79 -27.68
C ASP A 191 12.47 7.77 -26.15
N ILE A 192 13.31 6.86 -25.69
CA ILE A 192 13.46 6.65 -24.24
C ILE A 192 14.27 7.77 -23.62
N HIS A 193 15.06 8.48 -24.43
CA HIS A 193 15.82 9.64 -23.96
C HIS A 193 14.98 10.92 -24.04
N HIS A 194 13.66 10.75 -24.05
CA HIS A 194 12.72 11.86 -23.95
C HIS A 194 11.46 11.53 -23.11
N ILE A 195 11.56 10.52 -22.23
CA ILE A 195 10.44 10.15 -21.35
C ILE A 195 10.29 11.19 -20.23
N ASP A 196 9.08 11.72 -20.07
CA ASP A 196 8.70 12.52 -18.89
C ASP A 196 8.20 11.60 -17.76
N TYR A 197 9.05 11.38 -16.77
CA TYR A 197 8.72 10.55 -15.60
C TYR A 197 7.59 11.15 -14.76
N TYR A 198 7.41 12.46 -14.86
CA TYR A 198 6.39 13.17 -14.09
C TYR A 198 5.02 13.09 -14.74
N LYS A 199 4.98 12.80 -16.05
CA LYS A 199 3.71 12.72 -16.80
C LYS A 199 2.80 11.59 -16.31
N LYS A 200 1.61 11.97 -15.85
CA LYS A 200 0.61 10.99 -15.43
C LYS A 200 -0.14 10.46 -16.63
N THR A 201 -0.70 9.25 -16.48
CA THR A 201 -1.69 8.71 -17.41
C THR A 201 -3.03 9.36 -17.16
N THR A 202 -3.96 9.16 -18.09
CA THR A 202 -5.29 9.80 -18.02
C THR A 202 -6.04 9.41 -16.74
N ASN A 203 -5.86 8.15 -16.29
CA ASN A 203 -6.46 7.68 -15.04
C ASN A 203 -5.83 8.31 -13.78
N GLY A 204 -4.77 9.11 -13.93
CA GLY A 204 -4.05 9.74 -12.78
C GLY A 204 -2.79 9.02 -12.25
N ARG A 205 -2.34 7.97 -12.96
CA ARG A 205 -1.19 7.16 -12.52
C ARG A 205 0.11 7.41 -13.33
N LEU A 206 1.24 6.98 -12.74
CA LEU A 206 2.58 7.30 -13.22
C LEU A 206 3.23 6.03 -13.79
N PRO A 207 3.47 5.98 -15.12
CA PRO A 207 4.10 4.78 -15.75
C PRO A 207 5.44 4.31 -15.17
N VAL A 208 6.18 5.19 -14.49
CA VAL A 208 7.44 4.77 -13.86
C VAL A 208 7.26 3.61 -12.85
N LYS A 209 6.04 3.47 -12.33
CA LYS A 209 5.76 2.44 -11.34
C LYS A 209 5.68 0.99 -11.88
N TRP A 210 5.78 0.82 -13.20
CA TRP A 210 5.90 -0.53 -13.83
C TRP A 210 7.30 -0.86 -14.36
N MET A 211 8.24 0.09 -14.23
CA MET A 211 9.58 -0.01 -14.82
C MET A 211 10.63 -0.65 -13.94
N ALA A 212 11.33 -1.66 -14.45
CA ALA A 212 12.47 -2.24 -13.75
C ALA A 212 13.40 -1.09 -13.37
N PRO A 213 14.09 -1.19 -12.20
CA PRO A 213 15.09 -0.17 -11.81
C PRO A 213 16.12 0.15 -12.90
N GLU A 214 16.59 -0.87 -13.59
CA GLU A 214 17.66 -0.69 -14.59
C GLU A 214 17.16 0.03 -15.83
N ALA A 215 15.85 -0.06 -16.07
CA ALA A 215 15.23 0.70 -17.16
C ALA A 215 14.98 2.11 -16.69
N LEU A 216 14.37 2.23 -15.52
CA LEU A 216 14.16 3.54 -14.89
C LEU A 216 15.47 4.34 -14.72
N PHE A 217 16.45 3.80 -14.00
CA PHE A 217 17.67 4.58 -13.69
C PHE A 217 18.68 4.62 -14.82
N ASP A 218 18.79 3.53 -15.58
CA ASP A 218 19.86 3.39 -16.58
C ASP A 218 19.39 3.34 -18.04
N ARG A 219 18.08 3.46 -18.23
CA ARG A 219 17.46 3.37 -19.54
C ARG A 219 17.87 2.11 -20.31
N ILE A 220 18.04 1.00 -19.60
CA ILE A 220 18.33 -0.29 -20.17
C ILE A 220 17.10 -1.21 -20.16
N TYR A 221 16.54 -1.44 -21.35
CA TYR A 221 15.31 -2.19 -21.56
C TYR A 221 15.62 -3.52 -22.20
N THR A 222 15.08 -4.59 -21.62
CA THR A 222 15.35 -5.96 -22.02
C THR A 222 14.09 -6.74 -21.82
N HIS A 223 14.06 -7.99 -22.26
CA HIS A 223 12.93 -8.85 -21.91
C HIS A 223 12.85 -8.96 -20.39
N GLN A 224 13.99 -8.82 -19.74
CA GLN A 224 14.07 -8.98 -18.28
C GLN A 224 13.38 -7.84 -17.56
N SER A 225 13.45 -6.64 -18.12
CA SER A 225 12.75 -5.50 -17.53
C SER A 225 11.26 -5.59 -17.77
N ASP A 226 10.88 -6.25 -18.88
CA ASP A 226 9.48 -6.54 -19.21
C ASP A 226 8.94 -7.53 -18.23
N VAL A 227 9.75 -8.52 -17.84
CA VAL A 227 9.35 -9.46 -16.79
C VAL A 227 9.08 -8.72 -15.45
N TRP A 228 9.91 -7.73 -15.10
CA TRP A 228 9.67 -6.90 -13.91
C TRP A 228 8.30 -6.29 -13.97
N SER A 229 8.00 -5.61 -15.08
CA SER A 229 6.70 -4.99 -15.35
C SER A 229 5.54 -6.02 -15.30
N PHE A 230 5.77 -7.21 -15.82
CA PHE A 230 4.79 -8.32 -15.63
C PHE A 230 4.46 -8.70 -14.15
N GLY A 231 5.47 -8.58 -13.29
CA GLY A 231 5.29 -8.76 -11.85
C GLY A 231 4.31 -7.75 -11.29
N VAL A 232 4.48 -6.51 -11.70
CA VAL A 232 3.56 -5.42 -11.33
C VAL A 232 2.15 -5.72 -11.92
N LEU A 233 2.09 -6.17 -13.16
CA LEU A 233 0.79 -6.52 -13.77
C LEU A 233 0.11 -7.67 -13.01
N LEU A 234 0.87 -8.67 -12.59
CA LEU A 234 0.29 -9.76 -11.80
C LEU A 234 -0.33 -9.20 -10.53
N TRP A 235 0.37 -8.24 -9.91
CA TRP A 235 -0.11 -7.51 -8.72
C TRP A 235 -1.41 -6.78 -8.99
N GLU A 236 -1.44 -6.07 -10.10
CA GLU A 236 -2.65 -5.42 -10.57
C GLU A 236 -3.82 -6.38 -10.72
N ILE A 237 -3.59 -7.58 -11.24
CA ILE A 237 -4.67 -8.60 -11.41
C ILE A 237 -5.21 -9.09 -10.07
N PHE A 238 -4.33 -9.38 -9.13
CA PHE A 238 -4.80 -9.96 -7.88
C PHE A 238 -5.32 -8.95 -6.87
N THR A 239 -5.19 -7.68 -7.16
CA THR A 239 -5.86 -6.62 -6.41
C THR A 239 -7.06 -6.07 -7.17
N LEU A 240 -7.42 -6.76 -8.24
CA LEU A 240 -8.59 -6.42 -9.08
C LEU A 240 -8.57 -5.00 -9.65
N GLY A 241 -7.44 -4.65 -10.27
CA GLY A 241 -7.21 -3.28 -10.81
C GLY A 241 -6.67 -2.27 -9.82
N GLY A 242 -5.94 -2.72 -8.82
CA GLY A 242 -5.32 -1.82 -7.84
C GLY A 242 -4.22 -0.92 -8.40
N SER A 243 -4.08 0.27 -7.80
CA SER A 243 -3.07 1.25 -8.20
C SER A 243 -1.76 1.06 -7.40
N PRO A 244 -0.64 0.66 -8.06
CA PRO A 244 0.67 0.52 -7.35
C PRO A 244 1.19 1.80 -6.71
N TYR A 245 1.69 1.71 -5.50
CA TYR A 245 2.32 2.84 -4.84
C TYR A 245 1.37 4.05 -4.78
N PRO A 246 0.15 3.85 -4.28
CA PRO A 246 -0.80 4.97 -4.33
C PRO A 246 -0.30 6.20 -3.51
N GLY A 247 -0.30 7.37 -4.14
CA GLY A 247 0.15 8.63 -3.47
C GLY A 247 1.64 8.84 -3.38
N VAL A 248 2.42 7.92 -3.94
CA VAL A 248 3.88 8.01 -3.94
C VAL A 248 4.30 8.80 -5.17
N PRO A 249 4.93 9.99 -5.00
CA PRO A 249 5.40 10.75 -6.14
C PRO A 249 6.72 10.20 -6.70
N VAL A 250 7.18 10.73 -7.84
CA VAL A 250 8.37 10.18 -8.55
C VAL A 250 9.65 10.09 -7.69
N GLU A 251 10.03 11.17 -7.03
CA GLU A 251 11.23 11.18 -6.19
C GLU A 251 11.18 10.10 -5.10
N GLU A 252 10.01 9.88 -4.52
CA GLU A 252 9.89 8.89 -3.44
C GLU A 252 9.93 7.49 -4.01
N LEU A 253 9.44 7.33 -5.22
CA LEU A 253 9.51 6.02 -5.87
C LEU A 253 10.96 5.56 -6.00
N PHE A 254 11.80 6.44 -6.56
CA PHE A 254 13.21 6.17 -6.72
C PHE A 254 13.85 5.72 -5.45
N LYS A 255 13.55 6.43 -4.37
CA LYS A 255 14.09 6.13 -3.05
C LYS A 255 13.57 4.78 -2.55
N LEU A 256 12.31 4.43 -2.78
CA LEU A 256 11.86 3.03 -2.43
C LEU A 256 12.61 1.95 -3.19
N LEU A 257 12.76 2.15 -4.50
CA LEU A 257 13.49 1.20 -5.34
C LEU A 257 14.95 1.07 -4.91
N LYS A 258 15.65 2.19 -4.71
CA LYS A 258 17.05 2.14 -4.27
C LYS A 258 17.20 1.34 -2.96
N GLU A 259 16.17 1.42 -2.11
CA GLU A 259 16.14 0.71 -0.83
C GLU A 259 15.69 -0.75 -0.91
N GLY A 260 15.38 -1.21 -2.12
CA GLY A 260 14.93 -2.55 -2.34
C GLY A 260 13.53 -2.83 -1.82
N HIS A 261 12.70 -1.79 -1.76
CA HIS A 261 11.29 -1.94 -1.39
C HIS A 261 10.56 -2.80 -2.40
N ARG A 262 9.71 -3.70 -1.88
CA ARG A 262 8.78 -4.53 -2.65
C ARG A 262 7.31 -4.45 -2.13
N MET A 263 6.36 -4.45 -3.05
CA MET A 263 4.97 -4.30 -2.70
C MET A 263 4.55 -5.47 -1.86
N ASP A 264 3.55 -5.27 -0.99
CA ASP A 264 3.05 -6.31 -0.08
C ASP A 264 2.17 -7.27 -0.84
N LYS A 265 1.99 -8.43 -0.28
CA LYS A 265 1.13 -9.44 -0.89
C LYS A 265 -0.31 -8.98 -0.90
N PRO A 266 -0.95 -8.93 -2.08
CA PRO A 266 -2.40 -8.71 -2.09
C PRO A 266 -3.14 -9.75 -1.24
N SER A 267 -4.26 -9.37 -0.65
CA SER A 267 -5.13 -10.35 0.02
C SER A 267 -5.80 -11.23 -1.03
N ASN A 268 -6.14 -12.46 -0.67
CA ASN A 268 -6.75 -13.31 -1.69
C ASN A 268 -5.72 -13.51 -2.83
N CYS A 269 -4.59 -14.10 -2.43
CA CYS A 269 -3.45 -14.39 -3.32
C CYS A 269 -2.67 -15.48 -2.64
N THR A 270 -2.35 -16.54 -3.38
CA THR A 270 -1.58 -17.62 -2.79
C THR A 270 -0.13 -17.19 -2.58
N ASN A 271 0.53 -17.85 -1.65
CA ASN A 271 1.94 -17.63 -1.42
C ASN A 271 2.71 -17.91 -2.70
N GLU A 272 2.24 -18.88 -3.45
CA GLU A 272 2.92 -19.31 -4.66
C GLU A 272 2.91 -18.25 -5.74
N LEU A 273 1.81 -17.51 -5.84
CA LEU A 273 1.70 -16.45 -6.85
C LEU A 273 2.38 -15.13 -6.43
N TYR A 274 2.44 -14.88 -5.11
CA TYR A 274 3.22 -13.77 -4.58
C TYR A 274 4.73 -14.05 -4.73
N MET A 275 5.17 -15.27 -4.49
CA MET A 275 6.55 -15.64 -4.82
C MET A 275 6.91 -15.37 -6.29
N MET A 276 5.96 -15.62 -7.18
CA MET A 276 6.13 -15.31 -8.61
C MET A 276 6.37 -13.81 -8.86
N MET A 277 5.58 -12.95 -8.24
CA MET A 277 5.73 -11.52 -8.40
C MET A 277 7.09 -11.15 -7.90
N ARG A 278 7.44 -11.68 -6.74
CA ARG A 278 8.72 -11.35 -6.08
C ARG A 278 9.88 -11.79 -6.93
N ASP A 279 9.73 -12.96 -7.56
CA ASP A 279 10.71 -13.47 -8.49
C ASP A 279 10.90 -12.56 -9.70
N CYS A 280 9.79 -11.99 -10.20
CA CYS A 280 9.79 -11.09 -11.33
C CYS A 280 10.46 -9.78 -10.96
N TRP A 281 10.42 -9.45 -9.66
CA TRP A 281 11.04 -8.22 -9.12
C TRP A 281 12.41 -8.51 -8.52
N HIS A 282 13.09 -9.56 -9.00
CA HIS A 282 14.45 -9.84 -8.57
C HIS A 282 15.35 -8.67 -8.88
N ALA A 283 16.25 -8.32 -7.98
CA ALA A 283 17.10 -7.13 -8.22
C ALA A 283 18.09 -7.40 -9.34
N VAL A 284 18.49 -8.65 -9.49
CA VAL A 284 19.41 -9.04 -10.55
C VAL A 284 18.62 -9.58 -11.73
N PRO A 285 18.66 -8.84 -12.86
CA PRO A 285 17.84 -9.21 -14.03
C PRO A 285 18.01 -10.66 -14.54
N SER A 286 19.24 -11.17 -14.51
CA SER A 286 19.53 -12.57 -14.90
C SER A 286 18.81 -13.63 -14.07
N GLN A 287 18.36 -13.24 -12.87
CA GLN A 287 17.77 -14.19 -11.93
C GLN A 287 16.23 -14.22 -11.93
N ARG A 288 15.62 -13.37 -12.73
CA ARG A 288 14.18 -13.37 -12.93
C ARG A 288 13.84 -14.53 -13.83
N PRO A 289 12.61 -15.10 -13.67
CA PRO A 289 12.16 -16.07 -14.64
C PRO A 289 11.94 -15.43 -16.01
N THR A 290 11.96 -16.26 -17.03
CA THR A 290 11.62 -15.89 -18.38
C THR A 290 10.11 -15.99 -18.54
N PHE A 291 9.56 -15.40 -19.60
CA PHE A 291 8.15 -15.62 -19.92
C PHE A 291 7.91 -17.08 -20.31
N LYS A 292 8.89 -17.71 -20.92
CA LYS A 292 8.79 -19.18 -21.17
C LYS A 292 8.53 -19.96 -19.85
N GLN A 293 9.30 -19.67 -18.80
N GLN A 293 9.35 -19.69 -18.83
CA GLN A 293 9.07 -20.24 -17.48
CA GLN A 293 9.12 -20.19 -17.47
C GLN A 293 7.74 -19.82 -16.88
C GLN A 293 7.75 -19.82 -16.91
N LEU A 294 7.43 -18.53 -16.94
CA LEU A 294 6.17 -18.04 -16.40
C LEU A 294 4.98 -18.72 -17.07
N VAL A 295 5.07 -18.90 -18.37
CA VAL A 295 3.99 -19.56 -19.11
C VAL A 295 3.79 -20.98 -18.54
N GLU A 296 4.88 -21.73 -18.38
CA GLU A 296 4.78 -23.11 -17.85
C GLU A 296 4.24 -23.23 -16.40
N ASP A 297 4.73 -22.35 -15.52
CA ASP A 297 4.28 -22.29 -14.14
C ASP A 297 2.80 -21.93 -14.05
N LEU A 298 2.40 -20.89 -14.77
CA LEU A 298 1.00 -20.46 -14.77
C LEU A 298 0.06 -21.50 -15.34
N ASP A 299 0.44 -22.14 -16.44
CA ASP A 299 -0.28 -23.34 -16.93
C ASP A 299 -0.53 -24.40 -15.84
N ARG A 300 0.48 -24.66 -15.03
CA ARG A 300 0.37 -25.67 -13.99
C ARG A 300 -0.60 -25.18 -12.91
N ILE A 301 -0.43 -23.93 -12.50
CA ILE A 301 -1.24 -23.30 -11.46
C ILE A 301 -2.69 -23.14 -11.92
N VAL A 302 -2.92 -22.82 -13.19
CA VAL A 302 -4.31 -22.68 -13.70
C VAL A 302 -5.09 -24.00 -13.49
N ALA A 303 -4.45 -25.12 -13.84
CA ALA A 303 -5.09 -26.44 -13.76
C ALA A 303 -5.42 -26.91 -12.35
N LEU A 304 -4.70 -26.41 -11.37
CA LEU A 304 -4.93 -26.76 -9.99
C LEU A 304 -5.74 -25.68 -9.23
N THR A 305 -5.98 -24.53 -9.85
CA THR A 305 -6.74 -23.50 -9.19
C THR A 305 -8.26 -23.72 -9.30
N SER A 306 -8.93 -23.64 -8.17
CA SER A 306 -10.38 -23.79 -8.10
C SER A 306 -11.11 -22.64 -8.79
N SER B 5 7.21 26.08 41.52
CA SER B 5 7.98 24.91 40.91
C SER B 5 9.50 25.18 40.66
N GLU B 6 9.90 26.46 40.68
CA GLU B 6 11.31 26.89 40.44
C GLU B 6 12.29 26.41 41.53
N TYR B 7 11.92 26.58 42.80
CA TYR B 7 12.75 26.13 43.92
C TYR B 7 12.25 24.84 44.56
N GLU B 8 10.95 24.62 44.57
CA GLU B 8 10.41 23.34 45.07
C GLU B 8 9.02 23.04 44.51
N LEU B 9 8.76 21.74 44.38
CA LEU B 9 7.46 21.23 43.96
C LEU B 9 6.61 20.91 45.20
N PRO B 10 5.29 20.88 45.01
CA PRO B 10 4.39 20.33 46.04
C PRO B 10 4.67 18.87 46.35
N GLU B 11 4.52 18.49 47.61
CA GLU B 11 4.65 17.07 47.98
C GLU B 11 3.29 16.37 47.96
N ASP B 12 3.30 15.11 47.57
CA ASP B 12 2.12 14.27 47.59
C ASP B 12 2.58 12.99 48.29
N PRO B 13 2.38 12.93 49.61
CA PRO B 13 2.73 11.75 50.38
C PRO B 13 2.08 10.45 49.90
N ARG B 14 0.95 10.51 49.19
CA ARG B 14 0.36 9.26 48.67
C ARG B 14 1.36 8.52 47.76
N TRP B 15 2.13 9.30 47.02
CA TRP B 15 2.94 8.78 45.90
C TRP B 15 4.44 8.91 46.09
N GLU B 16 4.88 9.70 47.06
CA GLU B 16 6.29 10.03 47.21
C GLU B 16 7.13 8.82 47.58
N LEU B 17 8.23 8.60 46.87
CA LEU B 17 9.21 7.57 47.22
C LEU B 17 10.51 8.21 47.68
N PRO B 18 11.09 7.67 48.76
CA PRO B 18 12.45 8.02 49.17
C PRO B 18 13.48 7.74 48.07
N ARG B 19 14.36 8.70 47.81
CA ARG B 19 15.35 8.57 46.74
C ARG B 19 16.40 7.48 46.98
N ASP B 20 16.71 7.23 48.25
CA ASP B 20 17.61 6.14 48.65
C ASP B 20 17.04 4.79 48.28
N ARG B 21 15.74 4.74 48.02
CA ARG B 21 15.06 3.49 47.67
C ARG B 21 14.91 3.29 46.17
N LEU B 22 15.59 4.12 45.39
CA LEU B 22 15.55 4.04 43.93
C LEU B 22 16.98 4.06 43.41
N VAL B 23 17.36 3.03 42.64
CA VAL B 23 18.68 2.99 42.03
C VAL B 23 18.57 3.05 40.51
N LEU B 24 19.02 4.17 39.95
CA LEU B 24 18.86 4.41 38.51
C LEU B 24 19.83 3.58 37.70
N GLY B 25 19.35 3.12 36.54
CA GLY B 25 20.08 2.14 35.74
C GLY B 25 20.27 2.59 34.32
N LYS B 26 20.21 1.63 33.40
CA LYS B 26 20.49 1.94 31.99
C LYS B 26 19.35 2.67 31.32
N PRO B 27 19.69 3.65 30.46
CA PRO B 27 18.66 4.41 29.81
C PRO B 27 17.85 3.50 28.89
N LEU B 28 16.57 3.83 28.73
CA LEU B 28 15.68 3.06 27.87
C LEU B 28 15.42 3.83 26.60
N GLY B 29 15.27 5.14 26.73
CA GLY B 29 15.01 6.01 25.58
C GLY B 29 14.84 7.47 26.02
N GLU B 30 14.98 8.39 25.06
CA GLU B 30 14.83 9.83 25.32
C GLU B 30 13.95 10.48 24.27
N GLY B 31 13.66 11.77 24.48
CA GLY B 31 12.76 12.53 23.61
C GLY B 31 13.27 13.95 23.56
N ALA B 32 12.38 14.89 23.29
CA ALA B 32 12.70 16.33 23.14
C ALA B 32 13.50 16.94 24.33
N PHE B 33 12.86 17.10 25.49
CA PHE B 33 13.59 17.46 26.74
C PHE B 33 13.24 16.53 27.95
N GLY B 34 12.78 15.29 27.65
CA GLY B 34 12.56 14.22 28.63
C GLY B 34 13.28 12.93 28.26
N GLN B 35 13.51 12.07 29.25
CA GLN B 35 14.21 10.82 29.05
C GLN B 35 13.74 9.72 30.02
N VAL B 36 13.86 8.47 29.60
CA VAL B 36 13.39 7.33 30.35
C VAL B 36 14.54 6.35 30.67
N VAL B 37 14.66 5.97 31.93
CA VAL B 37 15.71 5.05 32.36
C VAL B 37 15.12 3.88 33.12
N LEU B 38 15.71 2.71 32.90
CA LEU B 38 15.45 1.54 33.74
C LEU B 38 16.00 1.80 35.15
N ALA B 39 15.27 1.35 36.17
CA ALA B 39 15.68 1.54 37.56
C ALA B 39 15.17 0.41 38.46
N GLU B 40 15.67 0.37 39.69
CA GLU B 40 15.20 -0.61 40.69
C GLU B 40 14.61 0.15 41.86
N ALA B 41 13.35 -0.17 42.20
CA ALA B 41 12.70 0.47 43.34
C ALA B 41 12.49 -0.54 44.47
N ILE B 42 12.95 -0.18 45.66
CA ILE B 42 12.79 -1.01 46.86
C ILE B 42 11.59 -0.55 47.68
N GLY B 43 10.58 -1.41 47.80
CA GLY B 43 9.42 -1.16 48.69
C GLY B 43 8.45 -0.09 48.27
N LEU B 44 7.74 -0.31 47.15
CA LEU B 44 6.92 0.74 46.51
C LEU B 44 5.63 1.03 47.27
N PRO B 49 7.74 -4.01 50.55
CA PRO B 49 8.51 -3.47 51.68
C PRO B 49 10.05 -3.49 51.45
N ASN B 50 10.61 -4.67 51.16
CA ASN B 50 12.02 -4.78 50.77
C ASN B 50 12.26 -5.59 49.47
N ARG B 51 11.19 -5.92 48.75
CA ARG B 51 11.30 -6.45 47.38
C ARG B 51 11.79 -5.35 46.39
N VAL B 52 12.74 -5.69 45.52
CA VAL B 52 13.07 -4.81 44.39
C VAL B 52 12.07 -5.01 43.25
N THR B 53 11.62 -3.89 42.71
CA THR B 53 10.78 -3.91 41.53
C THR B 53 11.51 -3.17 40.42
N LYS B 54 11.65 -3.86 39.30
CA LYS B 54 12.14 -3.23 38.11
C LYS B 54 11.07 -2.23 37.64
N VAL B 55 11.42 -0.95 37.63
CA VAL B 55 10.52 0.11 37.20
C VAL B 55 11.18 0.91 36.08
N ALA B 56 10.40 1.73 35.39
CA ALA B 56 10.94 2.70 34.44
C ALA B 56 10.77 4.07 35.08
N VAL B 57 11.75 4.95 34.90
CA VAL B 57 11.72 6.30 35.48
C VAL B 57 11.77 7.29 34.34
N LYS B 58 10.86 8.26 34.36
CA LYS B 58 10.86 9.34 33.41
C LYS B 58 11.28 10.62 34.16
N MET B 59 12.14 11.40 33.50
CA MET B 59 12.74 12.58 34.12
C MET B 59 13.11 13.53 32.99
N LEU B 60 13.38 14.77 33.34
CA LEU B 60 13.83 15.77 32.38
C LEU B 60 15.27 15.50 31.95
N LYS B 61 15.61 15.99 30.75
CA LYS B 61 17.02 16.09 30.34
C LYS B 61 17.61 17.36 30.90
N SER B 62 18.94 17.44 30.89
CA SER B 62 19.66 18.52 31.56
C SER B 62 19.44 19.85 30.91
N ASP B 63 18.94 19.84 29.67
CA ASP B 63 18.64 21.09 28.93
C ASP B 63 17.19 21.51 28.95
N ALA B 64 16.38 20.81 29.74
CA ALA B 64 14.96 21.14 29.91
C ALA B 64 14.74 22.52 30.48
N THR B 65 13.59 23.13 30.13
CA THR B 65 13.11 24.43 30.65
C THR B 65 12.00 24.29 31.69
N GLU B 66 11.63 25.41 32.34
CA GLU B 66 10.51 25.41 33.31
C GLU B 66 9.22 24.84 32.71
N LYS B 67 8.93 25.17 31.45
CA LYS B 67 7.76 24.63 30.76
C LYS B 67 7.86 23.12 30.52
N ASP B 68 9.06 22.60 30.28
CA ASP B 68 9.23 21.13 30.24
C ASP B 68 8.89 20.49 31.60
N LEU B 69 9.31 21.15 32.68
CA LEU B 69 8.98 20.65 34.02
C LEU B 69 7.45 20.62 34.25
N SER B 70 6.83 21.74 33.93
CA SER B 70 5.39 21.91 34.01
C SER B 70 4.63 20.85 33.17
N ASP B 71 5.13 20.55 31.96
CA ASP B 71 4.60 19.41 31.18
C ASP B 71 4.70 18.07 31.89
N LEU B 72 5.90 17.77 32.37
CA LEU B 72 6.13 16.52 33.08
C LEU B 72 5.26 16.38 34.35
N ILE B 73 5.14 17.44 35.14
CA ILE B 73 4.24 17.46 36.30
C ILE B 73 2.81 17.17 35.84
N SER B 74 2.35 17.87 34.80
CA SER B 74 0.97 17.65 34.35
C SER B 74 0.74 16.23 33.93
N GLU B 75 1.70 15.61 33.24
CA GLU B 75 1.61 14.19 32.89
C GLU B 75 1.42 13.31 34.13
N MET B 76 2.23 13.54 35.15
CA MET B 76 2.16 12.76 36.40
C MET B 76 0.81 12.95 37.08
N GLU B 77 0.32 14.17 37.08
CA GLU B 77 -0.93 14.45 37.75
C GLU B 77 -2.11 13.79 37.00
N MET B 78 -2.05 13.75 35.66
CA MET B 78 -3.10 13.06 34.87
C MET B 78 -3.11 11.55 35.13
N MET B 79 -1.94 10.96 35.21
CA MET B 79 -1.81 9.58 35.60
C MET B 79 -2.49 9.31 36.95
N LYS B 80 -2.35 10.23 37.91
CA LYS B 80 -3.07 10.07 39.18
C LYS B 80 -4.59 10.01 39.00
N MET B 81 -5.17 11.01 38.32
CA MET B 81 -6.62 11.13 38.12
C MET B 81 -7.23 9.99 37.34
N ILE B 82 -6.47 9.44 36.40
CA ILE B 82 -6.97 8.42 35.50
C ILE B 82 -7.09 7.08 36.23
N GLY B 83 -6.16 6.81 37.13
CA GLY B 83 -6.18 5.59 37.94
C GLY B 83 -5.58 4.44 37.18
N LYS B 84 -5.70 3.23 37.75
CA LYS B 84 -5.04 2.02 37.27
C LYS B 84 -5.85 1.14 36.32
N HIS B 85 -5.16 0.63 35.32
CA HIS B 85 -5.69 -0.43 34.48
C HIS B 85 -4.53 -1.30 33.94
N LYS B 86 -4.78 -2.62 33.78
CA LYS B 86 -3.73 -3.57 33.38
C LYS B 86 -3.10 -3.26 32.02
N ASN B 87 -3.91 -2.74 31.10
CA ASN B 87 -3.43 -2.50 29.74
C ASN B 87 -3.06 -1.05 29.49
N ILE B 88 -2.64 -0.39 30.55
CA ILE B 88 -1.97 0.90 30.44
C ILE B 88 -0.72 0.87 31.32
N ILE B 89 0.24 1.72 30.97
CA ILE B 89 1.43 1.96 31.79
C ILE B 89 1.01 2.73 33.05
N ASN B 90 1.14 2.07 34.21
CA ASN B 90 0.67 2.66 35.47
C ASN B 90 1.73 3.45 36.25
N LEU B 91 1.31 4.58 36.84
CA LEU B 91 2.09 5.30 37.84
C LEU B 91 2.31 4.45 39.11
N LEU B 92 3.57 4.32 39.52
CA LEU B 92 3.91 3.59 40.72
C LEU B 92 4.47 4.50 41.81
N GLY B 93 4.86 5.72 41.46
CA GLY B 93 5.44 6.58 42.47
C GLY B 93 6.16 7.75 41.89
N ALA B 94 6.74 8.56 42.78
CA ALA B 94 7.46 9.74 42.37
C ALA B 94 8.42 10.29 43.42
N CYS B 95 9.59 10.73 42.94
CA CYS B 95 10.51 11.56 43.75
C CYS B 95 10.38 12.99 43.26
N THR B 96 9.79 13.85 44.08
CA THR B 96 9.48 15.25 43.73
C THR B 96 10.24 16.28 44.57
N GLN B 97 10.83 15.84 45.69
CA GLN B 97 11.43 16.72 46.70
C GLN B 97 12.92 16.60 46.63
N ASP B 98 13.62 17.69 46.91
CA ASP B 98 15.09 17.66 47.08
C ASP B 98 15.84 17.07 45.90
N GLY B 99 15.50 17.52 44.70
CA GLY B 99 16.23 17.14 43.49
C GLY B 99 15.32 16.98 42.30
N PRO B 100 15.83 16.41 41.20
CA PRO B 100 15.04 16.33 39.95
C PRO B 100 13.81 15.44 40.08
N LEU B 101 12.78 15.76 39.32
CA LEU B 101 11.54 14.98 39.36
C LEU B 101 11.74 13.66 38.65
N TYR B 102 11.41 12.59 39.37
CA TYR B 102 11.40 11.26 38.83
C TYR B 102 9.97 10.78 38.90
N VAL B 103 9.42 10.47 37.74
CA VAL B 103 8.07 9.96 37.64
C VAL B 103 8.24 8.48 37.42
N ILE B 104 7.93 7.70 38.44
CA ILE B 104 8.15 6.26 38.42
C ILE B 104 6.90 5.45 37.93
N VAL B 105 7.10 4.62 36.91
CA VAL B 105 6.01 3.99 36.20
C VAL B 105 6.42 2.57 35.85
N GLU B 106 5.47 1.77 35.42
CA GLU B 106 5.70 0.34 35.14
C GLU B 106 6.70 0.08 34.01
N TYR B 107 7.47 -1.00 34.16
CA TYR B 107 8.46 -1.40 33.15
C TYR B 107 7.95 -2.52 32.26
N ALA B 108 8.04 -2.28 30.97
CA ALA B 108 7.62 -3.20 29.93
C ALA B 108 8.86 -3.64 29.17
N SER B 109 9.34 -4.83 29.49
CA SER B 109 10.67 -5.29 29.07
C SER B 109 10.83 -5.56 27.59
N LYS B 110 9.72 -5.81 26.89
CA LYS B 110 9.79 -6.20 25.48
C LYS B 110 9.66 -5.04 24.48
N GLY B 111 9.56 -3.82 24.99
CA GLY B 111 9.60 -2.62 24.14
C GLY B 111 8.28 -2.41 23.41
N ASN B 112 8.31 -1.59 22.35
CA ASN B 112 7.08 -1.21 21.68
C ASN B 112 6.56 -2.31 20.78
N LEU B 113 5.26 -2.26 20.54
CA LEU B 113 4.54 -3.31 19.82
C LEU B 113 4.97 -3.42 18.35
N ARG B 114 5.39 -2.31 17.74
CA ARG B 114 5.94 -2.31 16.36
C ARG B 114 7.12 -3.28 16.27
N GLU B 115 8.16 -3.00 17.05
CA GLU B 115 9.33 -3.87 17.15
C GLU B 115 8.97 -5.32 17.55
N TYR B 116 8.18 -5.47 18.59
CA TYR B 116 7.70 -6.78 19.03
C TYR B 116 7.13 -7.60 17.87
N LEU B 117 6.31 -6.98 17.04
CA LEU B 117 5.67 -7.70 15.94
C LEU B 117 6.66 -8.05 14.85
N GLN B 118 7.47 -7.06 14.49
CA GLN B 118 8.54 -7.23 13.47
C GLN B 118 9.52 -8.37 13.81
N ALA B 119 9.93 -8.47 15.08
CA ALA B 119 10.84 -9.53 15.51
C ALA B 119 10.18 -10.90 15.61
N ARG B 120 8.93 -11.04 15.17
CA ARG B 120 8.26 -12.31 15.23
C ARG B 120 7.56 -12.64 13.92
N ARG B 121 8.00 -12.00 12.84
CA ARG B 121 7.43 -12.27 11.51
C ARG B 121 7.69 -13.70 11.05
N GLN B 138 6.93 -16.25 17.71
CA GLN B 138 6.10 -16.45 16.51
C GLN B 138 4.61 -16.48 16.89
N LEU B 139 3.92 -15.40 16.51
CA LEU B 139 2.56 -15.12 16.96
C LEU B 139 1.52 -15.85 16.11
N SER B 140 0.47 -16.35 16.76
CA SER B 140 -0.66 -17.00 16.08
C SER B 140 -1.78 -16.01 15.79
N SER B 141 -2.75 -16.41 14.97
CA SER B 141 -3.88 -15.53 14.66
C SER B 141 -4.61 -15.14 15.94
N LYS B 142 -4.67 -16.04 16.91
CA LYS B 142 -5.31 -15.75 18.21
C LYS B 142 -4.54 -14.65 18.96
N ASP B 143 -3.24 -14.91 19.18
CA ASP B 143 -2.32 -13.91 19.77
C ASP B 143 -2.44 -12.55 19.13
N LEU B 144 -2.52 -12.49 17.80
CA LEU B 144 -2.67 -11.19 17.13
C LEU B 144 -3.98 -10.52 17.49
N VAL B 145 -5.08 -11.29 17.53
CA VAL B 145 -6.38 -10.71 17.93
C VAL B 145 -6.37 -10.34 19.43
N SER B 146 -5.69 -11.14 20.23
CA SER B 146 -5.56 -10.89 21.64
C SER B 146 -4.85 -9.54 21.90
N CYS B 147 -3.75 -9.29 21.19
N CYS B 147 -3.75 -9.29 21.19
CA CYS B 147 -3.07 -8.00 21.23
CA CYS B 147 -3.08 -7.99 21.22
C CYS B 147 -4.04 -6.85 20.95
C CYS B 147 -4.07 -6.87 20.97
N ALA B 148 -4.83 -7.00 19.89
CA ALA B 148 -5.83 -6.02 19.52
C ALA B 148 -6.91 -5.82 20.61
N TYR B 149 -7.32 -6.92 21.21
CA TYR B 149 -8.27 -6.89 22.32
C TYR B 149 -7.71 -6.10 23.53
N GLN B 150 -6.48 -6.43 23.90
CA GLN B 150 -5.83 -5.76 25.04
C GLN B 150 -5.65 -4.24 24.83
N VAL B 151 -5.25 -3.86 23.63
CA VAL B 151 -5.12 -2.48 23.27
C VAL B 151 -6.48 -1.76 23.41
N ALA B 152 -7.56 -2.36 22.92
CA ALA B 152 -8.88 -1.73 23.00
C ALA B 152 -9.42 -1.66 24.41
N ARG B 153 -9.07 -2.65 25.22
CA ARG B 153 -9.36 -2.64 26.63
C ARG B 153 -8.76 -1.43 27.31
N GLY B 154 -7.48 -1.17 26.98
CA GLY B 154 -6.73 -0.07 27.54
C GLY B 154 -7.35 1.22 27.11
N MET B 155 -7.76 1.26 25.85
CA MET B 155 -8.39 2.44 25.31
C MET B 155 -9.82 2.62 25.83
N GLU B 156 -10.55 1.53 26.02
CA GLU B 156 -11.88 1.63 26.59
C GLU B 156 -11.78 2.22 28.01
N TYR B 157 -10.79 1.76 28.77
CA TYR B 157 -10.54 2.30 30.11
C TYR B 157 -10.20 3.79 30.06
N LEU B 158 -9.23 4.15 29.25
CA LEU B 158 -8.81 5.56 29.19
C LEU B 158 -9.95 6.51 28.79
N ALA B 159 -10.67 6.13 27.75
CA ALA B 159 -11.86 6.87 27.31
C ALA B 159 -12.96 7.00 28.39
N SER B 160 -13.11 6.02 29.28
CA SER B 160 -14.03 6.18 30.42
C SER B 160 -13.53 7.23 31.42
N LYS B 161 -12.27 7.63 31.30
CA LYS B 161 -11.65 8.56 32.21
C LYS B 161 -11.35 9.90 31.52
N LYS B 162 -12.06 10.14 30.41
CA LYS B 162 -11.97 11.40 29.67
C LYS B 162 -10.61 11.56 29.00
N CYS B 163 -9.89 10.46 28.78
CA CYS B 163 -8.56 10.56 28.20
C CYS B 163 -8.55 10.30 26.69
N ILE B 164 -8.22 11.34 25.93
CA ILE B 164 -7.98 11.24 24.50
C ILE B 164 -6.48 11.17 24.24
N HIS B 165 -6.02 10.12 23.57
CA HIS B 165 -4.60 9.89 23.38
C HIS B 165 -3.98 10.86 22.35
N ARG B 166 -4.63 10.94 21.20
CA ARG B 166 -4.21 11.77 20.06
C ARG B 166 -2.97 11.28 19.28
N ASP B 167 -2.39 10.15 19.69
CA ASP B 167 -1.32 9.51 18.93
C ASP B 167 -1.26 8.03 19.25
N LEU B 168 -2.41 7.40 19.20
CA LEU B 168 -2.46 5.96 19.34
C LEU B 168 -1.81 5.32 18.09
N ALA B 169 -0.81 4.51 18.33
CA ALA B 169 -0.02 3.86 17.27
C ALA B 169 0.68 2.74 17.97
N ALA B 170 1.14 1.76 17.23
CA ALA B 170 1.89 0.64 17.81
C ALA B 170 3.16 1.12 18.48
N ARG B 171 3.77 2.20 18.00
CA ARG B 171 4.96 2.75 18.67
C ARG B 171 4.70 3.19 20.13
N ASN B 172 3.43 3.46 20.49
CA ASN B 172 3.02 3.92 21.82
C ASN B 172 2.29 2.88 22.65
N VAL B 173 2.50 1.63 22.28
CA VAL B 173 2.01 0.50 23.05
C VAL B 173 3.28 -0.23 23.43
N LEU B 174 3.46 -0.45 24.73
CA LEU B 174 4.61 -1.20 25.24
C LEU B 174 4.15 -2.60 25.61
N VAL B 175 5.07 -3.57 25.55
CA VAL B 175 4.79 -4.99 25.87
C VAL B 175 5.64 -5.46 27.07
N THR B 176 5.01 -6.16 28.03
CA THR B 176 5.72 -6.61 29.25
C THR B 176 6.39 -7.96 29.05
N GLU B 177 7.22 -8.34 30.03
CA GLU B 177 7.83 -9.69 30.07
C GLU B 177 6.79 -10.76 29.82
N ASP B 178 5.61 -10.60 30.39
CA ASP B 178 4.57 -11.59 30.29
C ASP B 178 3.59 -11.28 29.14
N ASN B 179 4.04 -10.49 28.17
CA ASN B 179 3.30 -10.24 26.92
C ASN B 179 1.99 -9.52 27.13
N VAL B 180 1.91 -8.69 28.17
CA VAL B 180 0.74 -7.83 28.38
C VAL B 180 0.92 -6.54 27.58
N MET B 181 -0.12 -6.14 26.86
CA MET B 181 -0.12 -4.87 26.13
C MET B 181 -0.48 -3.72 27.07
N LYS B 182 0.28 -2.64 26.99
CA LYS B 182 0.17 -1.51 27.92
C LYS B 182 0.32 -0.21 27.12
N ILE B 183 -0.77 0.57 27.03
CA ILE B 183 -0.75 1.84 26.31
C ILE B 183 0.14 2.78 27.10
N ALA B 184 0.96 3.55 26.39
CA ALA B 184 1.85 4.53 26.99
C ALA B 184 1.65 5.88 26.30
N ASP B 185 2.15 6.92 26.94
CA ASP B 185 2.09 8.32 26.44
C ASP B 185 0.66 8.84 26.35
N PHE B 186 -0.22 8.34 27.21
CA PHE B 186 -1.63 8.74 27.23
C PHE B 186 -1.84 10.02 28.05
N GLY B 187 -0.83 10.38 28.83
CA GLY B 187 -0.93 11.51 29.76
C GLY B 187 -0.18 12.75 29.34
N LEU B 188 0.48 12.71 28.17
CA LEU B 188 1.26 13.85 27.64
C LEU B 188 0.45 15.10 27.60
N ALA B 189 1.14 16.25 27.71
CA ALA B 189 0.50 17.56 27.81
C ALA B 189 0.28 18.18 26.42
N ASP B 196 3.62 20.05 14.06
CA ASP B 196 4.48 20.00 12.89
C ASP B 196 4.20 18.72 12.11
N TYR B 197 3.37 18.83 11.09
CA TYR B 197 2.94 17.66 10.30
C TYR B 197 4.08 16.94 9.60
N TYR B 198 5.19 17.66 9.37
CA TYR B 198 6.33 17.13 8.63
C TYR B 198 7.38 16.44 9.51
N LYS B 199 7.21 16.50 10.84
CA LYS B 199 8.15 15.85 11.78
C LYS B 199 8.00 14.32 11.71
N LYS B 200 9.12 13.65 11.45
CA LYS B 200 9.21 12.19 11.42
C LYS B 200 9.85 11.68 12.71
N GLY B 204 11.59 5.97 10.89
CA GLY B 204 11.33 7.34 10.39
C GLY B 204 10.01 7.50 9.59
N ARG B 205 8.88 7.40 10.30
CA ARG B 205 7.56 7.46 9.70
C ARG B 205 6.84 8.71 10.14
N LEU B 206 5.70 8.98 9.50
CA LEU B 206 4.92 10.22 9.68
C LEU B 206 3.65 9.99 10.51
N PRO B 207 3.61 10.47 11.77
CA PRO B 207 2.43 10.33 12.65
C PRO B 207 1.08 10.77 12.09
N VAL B 208 1.08 11.73 11.17
CA VAL B 208 -0.14 12.20 10.52
C VAL B 208 -0.91 11.04 9.85
N LYS B 209 -0.21 9.91 9.65
CA LYS B 209 -0.74 8.73 9.00
C LYS B 209 -1.59 7.87 9.94
N TRP B 210 -1.62 8.24 11.23
CA TRP B 210 -2.55 7.64 12.21
C TRP B 210 -3.71 8.60 12.62
N MET B 211 -3.69 9.85 12.14
CA MET B 211 -4.69 10.85 12.50
C MET B 211 -6.00 10.72 11.71
N ALA B 212 -7.12 10.83 12.42
CA ALA B 212 -8.43 10.94 11.80
C ALA B 212 -8.47 12.19 10.92
N PRO B 213 -9.27 12.16 9.84
CA PRO B 213 -9.44 13.33 8.99
C PRO B 213 -9.89 14.57 9.76
N GLU B 214 -10.86 14.43 10.65
CA GLU B 214 -11.30 15.60 11.41
C GLU B 214 -10.17 16.22 12.24
N ALA B 215 -9.33 15.38 12.84
CA ALA B 215 -8.23 15.82 13.70
C ALA B 215 -7.15 16.51 12.88
N LEU B 216 -6.83 15.90 11.74
CA LEU B 216 -5.85 16.44 10.78
C LEU B 216 -6.36 17.72 10.08
N PHE B 217 -7.56 17.65 9.49
CA PHE B 217 -8.16 18.80 8.78
C PHE B 217 -8.84 19.88 9.65
N ASP B 218 -9.58 19.46 10.69
CA ASP B 218 -10.42 20.38 11.49
C ASP B 218 -9.93 20.58 12.93
N ARG B 219 -8.81 19.95 13.29
CA ARG B 219 -8.28 19.91 14.68
C ARG B 219 -9.34 19.53 15.75
N ILE B 220 -10.21 18.60 15.36
CA ILE B 220 -11.20 18.01 16.24
C ILE B 220 -10.65 16.70 16.79
N TYR B 221 -10.38 16.68 18.07
CA TYR B 221 -9.92 15.48 18.76
C TYR B 221 -11.01 14.97 19.72
N THR B 222 -11.43 13.74 19.47
CA THR B 222 -12.42 13.07 20.29
C THR B 222 -11.94 11.65 20.57
N HIS B 223 -12.75 10.91 21.33
CA HIS B 223 -12.54 9.49 21.50
C HIS B 223 -12.71 8.75 20.19
N GLN B 224 -13.57 9.27 19.31
CA GLN B 224 -13.81 8.63 17.99
C GLN B 224 -12.66 8.83 17.00
N SER B 225 -11.95 9.95 17.15
CA SER B 225 -10.74 10.17 16.40
C SER B 225 -9.64 9.21 16.83
N ASP B 226 -9.61 8.81 18.10
CA ASP B 226 -8.69 7.73 18.55
C ASP B 226 -9.16 6.38 18.03
N VAL B 227 -10.45 6.24 17.77
CA VAL B 227 -10.95 4.99 17.14
C VAL B 227 -10.31 4.76 15.74
N TRP B 228 -10.25 5.83 14.94
CA TRP B 228 -9.58 5.83 13.64
C TRP B 228 -8.12 5.38 13.75
N SER B 229 -7.39 6.02 14.66
CA SER B 229 -6.02 5.61 15.02
C SER B 229 -5.90 4.14 15.39
N PHE B 230 -6.83 3.61 16.20
CA PHE B 230 -6.85 2.15 16.51
C PHE B 230 -7.01 1.29 15.24
N GLY B 231 -7.78 1.81 14.28
CA GLY B 231 -7.91 1.23 12.95
C GLY B 231 -6.58 0.98 12.25
N VAL B 232 -5.73 1.99 12.31
CA VAL B 232 -4.41 1.89 11.73
C VAL B 232 -3.53 0.94 12.56
N LEU B 233 -3.67 0.98 13.87
CA LEU B 233 -2.92 0.07 14.77
C LEU B 233 -3.30 -1.38 14.47
N LEU B 234 -4.59 -1.61 14.31
CA LEU B 234 -5.12 -2.88 13.85
C LEU B 234 -4.38 -3.34 12.59
N TRP B 235 -4.25 -2.46 11.61
CA TRP B 235 -3.54 -2.73 10.37
C TRP B 235 -2.06 -3.04 10.62
N GLU B 236 -1.38 -2.18 11.38
CA GLU B 236 -0.02 -2.50 11.86
C GLU B 236 0.06 -3.88 12.47
N ILE B 237 -0.89 -4.19 13.36
CA ILE B 237 -0.91 -5.53 13.96
C ILE B 237 -0.93 -6.64 12.90
N PHE B 238 -1.84 -6.53 11.92
CA PHE B 238 -2.08 -7.66 11.00
C PHE B 238 -1.13 -7.70 9.81
N THR B 239 -0.33 -6.65 9.64
CA THR B 239 0.87 -6.65 8.80
C THR B 239 2.14 -6.90 9.63
N LEU B 240 1.97 -7.30 10.89
CA LEU B 240 3.11 -7.59 11.79
C LEU B 240 4.17 -6.48 11.84
N GLY B 241 3.72 -5.23 12.00
CA GLY B 241 4.62 -4.08 12.09
C GLY B 241 4.85 -3.30 10.79
N GLY B 242 3.95 -3.44 9.82
CA GLY B 242 4.05 -2.74 8.56
C GLY B 242 3.95 -1.23 8.66
N SER B 243 4.44 -0.56 7.62
CA SER B 243 4.50 0.87 7.57
C SER B 243 3.36 1.41 6.69
N PRO B 244 2.45 2.20 7.29
CA PRO B 244 1.35 2.71 6.49
C PRO B 244 1.87 3.63 5.44
N TYR B 245 1.35 3.48 4.21
CA TYR B 245 1.63 4.44 3.15
C TYR B 245 3.13 4.66 2.91
N PRO B 246 3.87 3.58 2.60
CA PRO B 246 5.30 3.84 2.44
C PRO B 246 5.56 4.72 1.23
N GLY B 247 6.45 5.69 1.39
CA GLY B 247 6.79 6.64 0.34
C GLY B 247 5.81 7.78 0.10
N VAL B 248 4.75 7.85 0.89
CA VAL B 248 3.73 8.89 0.72
C VAL B 248 4.08 10.06 1.66
N PRO B 249 4.39 11.23 1.09
CA PRO B 249 4.62 12.40 1.92
C PRO B 249 3.31 13.12 2.30
N VAL B 250 3.43 14.20 3.06
CA VAL B 250 2.28 14.76 3.79
C VAL B 250 1.18 15.25 2.84
N GLU B 251 1.61 15.95 1.79
CA GLU B 251 0.67 16.61 0.88
C GLU B 251 -0.12 15.57 0.11
N GLU B 252 0.57 14.48 -0.22
CA GLU B 252 -0.05 13.38 -0.93
C GLU B 252 -1.04 12.66 -0.04
N LEU B 253 -0.70 12.49 1.24
CA LEU B 253 -1.58 11.81 2.20
C LEU B 253 -2.93 12.52 2.31
N PHE B 254 -2.85 13.83 2.45
CA PHE B 254 -4.04 14.70 2.41
C PHE B 254 -4.89 14.38 1.19
N LYS B 255 -4.21 14.35 0.05
CA LYS B 255 -4.84 14.08 -1.23
C LYS B 255 -5.52 12.71 -1.19
N LEU B 256 -4.85 11.70 -0.66
CA LEU B 256 -5.47 10.39 -0.51
C LEU B 256 -6.68 10.44 0.44
N LEU B 257 -6.54 11.15 1.54
CA LEU B 257 -7.63 11.23 2.51
C LEU B 257 -8.89 11.83 1.87
N LYS B 258 -8.74 13.03 1.29
CA LYS B 258 -9.83 13.72 0.57
C LYS B 258 -10.53 12.92 -0.53
N GLU B 259 -9.81 11.98 -1.15
CA GLU B 259 -10.34 11.03 -2.15
C GLU B 259 -11.05 9.83 -1.52
N GLY B 260 -11.15 9.81 -0.20
CA GLY B 260 -11.73 8.67 0.50
C GLY B 260 -10.90 7.40 0.35
N HIS B 261 -9.58 7.55 0.21
CA HIS B 261 -8.72 6.39 0.04
C HIS B 261 -8.64 5.61 1.33
N ARG B 262 -8.61 4.28 1.22
CA ARG B 262 -8.52 3.39 2.37
C ARG B 262 -7.50 2.28 2.08
N MET B 263 -6.62 2.01 3.05
CA MET B 263 -5.55 1.05 2.85
C MET B 263 -6.19 -0.30 2.59
N ASP B 264 -5.50 -1.08 1.77
CA ASP B 264 -6.00 -2.37 1.31
C ASP B 264 -5.89 -3.37 2.45
N LYS B 265 -6.75 -4.36 2.39
CA LYS B 265 -6.75 -5.42 3.36
C LYS B 265 -5.39 -6.11 3.35
N PRO B 266 -4.81 -6.35 4.54
CA PRO B 266 -3.58 -7.13 4.57
C PRO B 266 -3.90 -8.57 4.25
N SER B 267 -2.91 -9.30 3.76
CA SER B 267 -3.01 -10.74 3.61
C SER B 267 -2.86 -11.30 5.01
N ASN B 268 -3.55 -12.39 5.30
CA ASN B 268 -3.56 -12.92 6.65
C ASN B 268 -4.32 -11.93 7.54
N CYS B 269 -5.59 -11.79 7.16
CA CYS B 269 -6.51 -10.94 7.84
C CYS B 269 -7.89 -11.31 7.34
N THR B 270 -8.77 -11.68 8.26
CA THR B 270 -10.12 -12.09 7.92
C THR B 270 -10.88 -10.92 7.29
N ASN B 271 -11.95 -11.22 6.57
CA ASN B 271 -12.76 -10.09 6.13
C ASN B 271 -13.55 -9.29 7.20
N GLU B 272 -13.69 -9.94 8.35
CA GLU B 272 -14.31 -9.36 9.53
C GLU B 272 -13.42 -8.25 10.08
N LEU B 273 -12.14 -8.60 10.30
CA LEU B 273 -11.14 -7.68 10.83
C LEU B 273 -10.91 -6.48 9.91
N TYR B 274 -10.94 -6.73 8.61
CA TYR B 274 -10.72 -5.68 7.66
C TYR B 274 -11.92 -4.69 7.70
N MET B 275 -13.10 -5.23 7.95
CA MET B 275 -14.30 -4.41 8.08
C MET B 275 -14.29 -3.67 9.43
N MET B 276 -13.71 -4.27 10.47
CA MET B 276 -13.44 -3.52 11.71
C MET B 276 -12.55 -2.30 11.43
N MET B 277 -11.40 -2.52 10.82
CA MET B 277 -10.53 -1.42 10.38
C MET B 277 -11.33 -0.43 9.55
N ARG B 278 -12.02 -0.91 8.51
CA ARG B 278 -12.78 -0.02 7.62
C ARG B 278 -13.85 0.75 8.37
N ASP B 279 -14.47 0.11 9.34
CA ASP B 279 -15.43 0.74 10.27
C ASP B 279 -14.82 1.88 11.10
N CYS B 280 -13.67 1.60 11.70
CA CYS B 280 -12.86 2.62 12.38
C CYS B 280 -12.50 3.75 11.48
N TRP B 281 -12.40 3.45 10.19
CA TRP B 281 -12.05 4.44 9.18
C TRP B 281 -13.28 5.06 8.47
N HIS B 282 -14.44 5.08 9.12
CA HIS B 282 -15.58 5.82 8.59
C HIS B 282 -15.28 7.31 8.59
N ALA B 283 -15.72 8.02 7.56
CA ALA B 283 -15.50 9.45 7.48
C ALA B 283 -16.23 10.22 8.61
N VAL B 284 -17.42 9.75 8.95
CA VAL B 284 -18.24 10.32 10.04
C VAL B 284 -17.95 9.57 11.34
N PRO B 285 -17.35 10.28 12.32
CA PRO B 285 -16.93 9.69 13.60
C PRO B 285 -18.05 9.04 14.39
N SER B 286 -19.27 9.57 14.28
CA SER B 286 -20.41 9.04 15.00
C SER B 286 -20.83 7.66 14.50
N GLN B 287 -20.53 7.36 13.23
CA GLN B 287 -20.73 6.02 12.66
C GLN B 287 -19.54 5.07 12.86
N ARG B 288 -18.41 5.57 13.38
CA ARG B 288 -17.31 4.65 13.76
C ARG B 288 -17.78 3.92 15.02
N PRO B 289 -17.30 2.68 15.25
CA PRO B 289 -17.63 2.10 16.54
C PRO B 289 -16.90 2.78 17.69
N THR B 290 -17.40 2.57 18.89
CA THR B 290 -16.77 3.03 20.12
C THR B 290 -15.82 1.95 20.59
N PHE B 291 -14.92 2.33 21.51
CA PHE B 291 -14.01 1.39 22.13
C PHE B 291 -14.78 0.33 22.91
N LYS B 292 -15.88 0.71 23.53
CA LYS B 292 -16.79 -0.22 24.22
C LYS B 292 -17.30 -1.30 23.22
N GLN B 293 -17.78 -0.86 22.05
CA GLN B 293 -18.21 -1.76 20.98
C GLN B 293 -17.05 -2.62 20.46
N LEU B 294 -15.87 -2.02 20.30
CA LEU B 294 -14.68 -2.73 19.77
C LEU B 294 -14.19 -3.79 20.73
N VAL B 295 -14.22 -3.51 22.02
CA VAL B 295 -13.89 -4.52 23.03
C VAL B 295 -14.86 -5.72 22.97
N GLU B 296 -16.15 -5.43 22.77
CA GLU B 296 -17.16 -6.50 22.72
C GLU B 296 -16.90 -7.41 21.54
N ASP B 297 -16.69 -6.80 20.37
CA ASP B 297 -16.41 -7.54 19.14
C ASP B 297 -15.13 -8.37 19.25
N LEU B 298 -14.04 -7.73 19.67
CA LEU B 298 -12.74 -8.43 19.78
C LEU B 298 -12.78 -9.57 20.79
N ASP B 299 -13.53 -9.39 21.87
CA ASP B 299 -13.74 -10.48 22.84
C ASP B 299 -14.41 -11.70 22.16
N ARG B 300 -15.43 -11.43 21.35
CA ARG B 300 -16.12 -12.44 20.58
C ARG B 300 -15.18 -13.06 19.53
N ILE B 301 -14.51 -12.21 18.76
CA ILE B 301 -13.60 -12.65 17.71
C ILE B 301 -12.47 -13.52 18.28
N VAL B 302 -11.87 -13.10 19.39
CA VAL B 302 -10.78 -13.87 20.02
C VAL B 302 -11.27 -15.29 20.28
N ALA B 303 -12.38 -15.41 20.98
CA ALA B 303 -12.98 -16.72 21.33
C ALA B 303 -13.30 -17.63 20.12
N LEU B 304 -13.53 -17.01 18.95
CA LEU B 304 -13.83 -17.71 17.70
C LEU B 304 -12.66 -17.78 16.71
N THR B 305 -11.44 -17.46 17.17
CA THR B 305 -10.23 -17.55 16.33
C THR B 305 -9.48 -18.85 16.67
#